data_8ZVY
#
_entry.id   8ZVY
#
_cell.length_a   61.005
_cell.length_b   68.240
_cell.length_c   102.576
_cell.angle_alpha   90.000
_cell.angle_beta   90.000
_cell.angle_gamma   90.000
#
_symmetry.space_group_name_H-M   'P 21 21 21'
#
loop_
_entity.id
_entity.type
_entity.pdbx_description
1 polymer 'Histone H2B 1.1,Histone H2A type 1'
2 polymer 'Isoform 1 of Alpha-synuclein'
3 non-polymer 'CHLORIDE ION'
4 water water
#
loop_
_entity_poly.entity_id
_entity_poly.type
_entity_poly.pdbx_seq_one_letter_code
_entity_poly.pdbx_strand_id
1 'polypeptide(L)'
;GRKESYAIYVYKVLKQVHPDTGISSKAMSIMNSFVNDVFERIAGEASRLAHYNKRSTITSREIQTAVRLLLPGELAKHAV
SEGTKAVTKYTSAKKAKTRSSRAGLQFPVGRVHRLLRKGNYAERVGAGAPVYLAAVLEYLTAEILELAGNAARDNKKTRI
IPRHLQLAVRNDEELNKLLGGVTIAQ
;
A,B
2 'polypeptide(L)' DNEAYEMPSEEGYQDYEPEA C,D
#
loop_
_chem_comp.id
_chem_comp.type
_chem_comp.name
_chem_comp.formula
CL non-polymer 'CHLORIDE ION' 'Cl -1'
#
# COMPACT_ATOMS: atom_id res chain seq x y z
N LYS A 3 2.07 -6.18 -27.32
CA LYS A 3 1.01 -6.68 -28.19
C LYS A 3 0.48 -8.02 -27.68
N GLU A 4 1.29 -8.68 -26.86
CA GLU A 4 0.91 -9.96 -26.30
CA GLU A 4 0.91 -9.97 -26.29
C GLU A 4 -0.27 -9.80 -25.36
N SER A 5 -1.18 -10.77 -25.37
CA SER A 5 -2.39 -10.68 -24.56
C SER A 5 -2.24 -11.51 -23.29
N TYR A 6 -2.29 -10.83 -22.15
CA TYR A 6 -2.39 -11.46 -20.84
C TYR A 6 -3.82 -11.45 -20.34
N ALA A 7 -4.78 -11.13 -21.20
CA ALA A 7 -6.14 -10.85 -20.73
C ALA A 7 -6.72 -12.04 -19.98
N ILE A 8 -6.50 -13.25 -20.49
CA ILE A 8 -7.04 -14.44 -19.83
C ILE A 8 -6.54 -14.55 -18.40
N TYR A 9 -5.27 -14.25 -18.18
CA TYR A 9 -4.66 -14.36 -16.86
C TYR A 9 -5.02 -13.19 -15.96
N VAL A 10 -5.16 -11.99 -16.52
CA VAL A 10 -5.68 -10.86 -15.75
C VAL A 10 -7.06 -11.20 -15.17
N TYR A 11 -7.92 -11.79 -16.00
CA TYR A 11 -9.25 -12.17 -15.52
C TYR A 11 -9.17 -13.21 -14.41
N LYS A 12 -8.29 -14.19 -14.54
CA LYS A 12 -8.17 -15.22 -13.51
C LYS A 12 -7.79 -14.57 -12.18
N VAL A 13 -6.83 -13.64 -12.22
CA VAL A 13 -6.45 -12.91 -11.01
C VAL A 13 -7.63 -12.08 -10.49
N LEU A 14 -8.38 -11.44 -11.39
CA LEU A 14 -9.51 -10.63 -10.96
C LEU A 14 -10.50 -11.45 -10.14
N LYS A 15 -10.74 -12.69 -10.55
CA LYS A 15 -11.71 -13.50 -9.81
C LYS A 15 -11.18 -13.96 -8.46
N GLN A 16 -9.85 -13.96 -8.27
CA GLN A 16 -9.31 -14.26 -6.96
C GLN A 16 -9.52 -13.09 -6.00
N VAL A 17 -9.24 -11.87 -6.44
CA VAL A 17 -9.28 -10.73 -5.52
C VAL A 17 -10.67 -10.14 -5.41
N HIS A 18 -11.49 -10.24 -6.44
CA HIS A 18 -12.87 -9.74 -6.42
C HIS A 18 -13.75 -10.72 -7.18
N PRO A 19 -14.18 -11.80 -6.54
CA PRO A 19 -14.87 -12.88 -7.27
C PRO A 19 -16.13 -12.44 -7.98
N ASP A 20 -16.82 -11.41 -7.52
CA ASP A 20 -18.09 -11.01 -8.10
C ASP A 20 -18.01 -9.69 -8.88
N THR A 21 -16.80 -9.28 -9.26
CA THR A 21 -16.60 -8.01 -9.95
C THR A 21 -16.12 -8.25 -11.37
N GLY A 22 -16.82 -7.65 -12.35
CA GLY A 22 -16.41 -7.74 -13.73
C GLY A 22 -15.39 -6.68 -14.09
N ILE A 23 -15.00 -6.67 -15.36
CA ILE A 23 -14.11 -5.67 -15.91
C ILE A 23 -14.50 -5.44 -17.36
N SER A 24 -14.54 -4.18 -17.76
CA SER A 24 -14.90 -3.86 -19.13
C SER A 24 -13.78 -4.23 -20.10
N SER A 25 -14.12 -4.20 -21.38
CA SER A 25 -13.15 -4.51 -22.42
C SER A 25 -12.06 -3.45 -22.49
N LYS A 26 -12.43 -2.17 -22.37
CA LYS A 26 -11.44 -1.11 -22.46
C LYS A 26 -10.52 -1.10 -21.24
N ALA A 27 -11.07 -1.41 -20.05
CA ALA A 27 -10.22 -1.51 -18.87
C ALA A 27 -9.28 -2.71 -18.97
N MET A 28 -9.74 -3.82 -19.55
CA MET A 28 -8.83 -4.95 -19.74
C MET A 28 -7.70 -4.59 -20.70
N SER A 29 -7.99 -3.78 -21.72
CA SER A 29 -6.92 -3.36 -22.64
C SER A 29 -5.86 -2.54 -21.91
N ILE A 30 -6.28 -1.67 -20.99
CA ILE A 30 -5.33 -0.91 -20.18
C ILE A 30 -4.54 -1.82 -19.25
N MET A 31 -5.21 -2.81 -18.65
CA MET A 31 -4.49 -3.78 -17.82
C MET A 31 -3.44 -4.51 -18.64
N ASN A 32 -3.80 -4.93 -19.85
CA ASN A 32 -2.86 -5.66 -20.69
C ASN A 32 -1.67 -4.79 -21.06
N SER A 33 -1.91 -3.53 -21.37
CA SER A 33 -0.79 -2.64 -21.71
CA SER A 33 -0.80 -2.63 -21.71
C SER A 33 0.12 -2.41 -20.52
N PHE A 34 -0.45 -2.30 -19.32
CA PHE A 34 0.41 -2.16 -18.15
C PHE A 34 1.31 -3.38 -17.97
N VAL A 35 0.75 -4.59 -18.11
CA VAL A 35 1.57 -5.79 -17.94
C VAL A 35 2.69 -5.83 -18.96
N ASN A 36 2.38 -5.50 -20.23
CA ASN A 36 3.43 -5.47 -21.24
C ASN A 36 4.48 -4.41 -20.94
N ASP A 37 4.04 -3.23 -20.47
CA ASP A 37 4.99 -2.17 -20.17
C ASP A 37 5.93 -2.58 -19.03
N VAL A 38 5.39 -3.20 -17.98
CA VAL A 38 6.25 -3.66 -16.88
C VAL A 38 7.19 -4.76 -17.35
N PHE A 39 6.65 -5.70 -18.13
CA PHE A 39 7.49 -6.76 -18.69
C PHE A 39 8.68 -6.16 -19.43
N GLU A 40 8.40 -5.22 -20.33
CA GLU A 40 9.48 -4.66 -21.15
CA GLU A 40 9.49 -4.66 -21.15
C GLU A 40 10.49 -3.89 -20.30
N ARG A 41 10.02 -3.14 -19.31
CA ARG A 41 10.98 -2.38 -18.51
C ARG A 41 11.86 -3.30 -17.67
N ILE A 42 11.27 -4.31 -17.03
CA ILE A 42 12.08 -5.23 -16.23
C ILE A 42 13.06 -5.99 -17.10
N ALA A 43 12.58 -6.50 -18.24
CA ALA A 43 13.45 -7.31 -19.09
C ALA A 43 14.61 -6.47 -19.63
N GLY A 44 14.33 -5.22 -20.00
CA GLY A 44 15.37 -4.35 -20.50
C GLY A 44 16.46 -4.06 -19.48
N GLU A 45 16.08 -3.80 -18.22
CA GLU A 45 17.08 -3.56 -17.20
C GLU A 45 17.85 -4.84 -16.90
N ALA A 46 17.14 -5.98 -16.88
CA ALA A 46 17.81 -7.26 -16.66
C ALA A 46 18.84 -7.56 -17.75
N SER A 47 18.54 -7.19 -18.99
CA SER A 47 19.48 -7.36 -20.10
C SER A 47 20.75 -6.56 -19.87
N ARG A 48 20.61 -5.31 -19.41
CA ARG A 48 21.77 -4.48 -19.13
C ARG A 48 22.58 -5.06 -18.01
N LEU A 49 21.91 -5.55 -16.96
CA LEU A 49 22.63 -6.13 -15.83
C LEU A 49 23.44 -7.33 -16.28
N ALA A 50 22.85 -8.20 -17.08
CA ALA A 50 23.62 -9.35 -17.54
C ALA A 50 24.79 -8.91 -18.40
N HIS A 51 24.59 -7.89 -19.24
CA HIS A 51 25.66 -7.44 -20.10
C HIS A 51 26.83 -6.87 -19.30
N TYR A 52 26.53 -6.04 -18.30
CA TYR A 52 27.62 -5.41 -17.56
C TYR A 52 28.29 -6.39 -16.61
N ASN A 53 27.60 -7.47 -16.25
CA ASN A 53 28.21 -8.51 -15.43
C ASN A 53 28.77 -9.67 -16.26
N LYS A 54 28.79 -9.53 -17.59
CA LYS A 54 29.41 -10.51 -18.49
C LYS A 54 28.78 -11.88 -18.32
N ARG A 55 27.46 -11.90 -18.22
CA ARG A 55 26.68 -13.12 -18.08
C ARG A 55 25.92 -13.38 -19.37
N SER A 56 26.11 -14.57 -19.95
CA SER A 56 25.41 -14.92 -21.18
C SER A 56 23.97 -15.35 -20.95
N THR A 57 23.58 -15.62 -19.70
CA THR A 57 22.26 -16.15 -19.41
C THR A 57 21.58 -15.25 -18.39
N ILE A 58 20.36 -14.83 -18.70
CA ILE A 58 19.51 -14.14 -17.73
C ILE A 58 18.81 -15.17 -16.87
N THR A 59 19.02 -15.10 -15.55
CA THR A 59 18.39 -15.94 -14.55
C THR A 59 17.50 -15.09 -13.66
N SER A 60 16.97 -15.69 -12.60
CA SER A 60 16.15 -14.93 -11.67
C SER A 60 16.97 -13.85 -10.97
N ARG A 61 18.30 -13.99 -10.94
CA ARG A 61 19.14 -12.99 -10.28
C ARG A 61 19.00 -11.61 -10.93
N GLU A 62 19.05 -11.54 -12.27
CA GLU A 62 18.93 -10.25 -12.95
C GLU A 62 17.51 -9.74 -12.90
N ILE A 63 16.53 -10.64 -12.96
CA ILE A 63 15.15 -10.19 -12.80
C ILE A 63 14.96 -9.57 -11.43
N GLN A 64 15.48 -10.22 -10.38
CA GLN A 64 15.32 -9.69 -9.03
C GLN A 64 15.98 -8.33 -8.90
N THR A 65 17.21 -8.19 -9.41
CA THR A 65 17.90 -6.90 -9.30
C THR A 65 17.15 -5.81 -10.06
N ALA A 66 16.66 -6.14 -11.26
CA ALA A 66 15.88 -5.16 -12.01
C ALA A 66 14.63 -4.74 -11.24
N VAL A 67 13.96 -5.69 -10.59
CA VAL A 67 12.78 -5.38 -9.80
C VAL A 67 13.13 -4.41 -8.68
N ARG A 68 14.28 -4.63 -8.03
CA ARG A 68 14.70 -3.73 -6.95
C ARG A 68 15.02 -2.34 -7.45
N LEU A 69 15.54 -2.22 -8.67
CA LEU A 69 15.86 -0.90 -9.21
C LEU A 69 14.60 -0.15 -9.63
N LEU A 70 13.54 -0.88 -9.96
CA LEU A 70 12.36 -0.29 -10.59
C LEU A 70 11.18 -0.08 -9.65
N LEU A 71 10.95 -1.01 -8.74
CA LEU A 71 9.77 -0.93 -7.87
C LEU A 71 10.12 -0.25 -6.55
N PRO A 72 9.27 0.65 -6.07
CA PRO A 72 9.51 1.32 -4.79
C PRO A 72 8.89 0.63 -3.58
N GLY A 73 9.55 0.84 -2.43
CA GLY A 73 8.90 0.63 -1.14
C GLY A 73 8.35 -0.76 -0.91
N GLU A 74 7.13 -0.82 -0.36
CA GLU A 74 6.53 -2.11 0.00
C GLU A 74 6.23 -2.94 -1.24
N LEU A 75 5.89 -2.28 -2.35
CA LEU A 75 5.68 -3.01 -3.60
CA LEU A 75 5.68 -3.01 -3.60
C LEU A 75 6.88 -3.85 -3.96
N ALA A 76 8.08 -3.28 -3.84
CA ALA A 76 9.29 -4.02 -4.19
C ALA A 76 9.50 -5.19 -3.23
N LYS A 77 9.28 -4.98 -1.94
CA LYS A 77 9.41 -6.08 -0.97
C LYS A 77 8.48 -7.24 -1.32
N HIS A 78 7.21 -6.94 -1.62
CA HIS A 78 6.27 -7.99 -1.94
C HIS A 78 6.63 -8.68 -3.26
N ALA A 79 7.02 -7.90 -4.27
CA ALA A 79 7.38 -8.48 -5.56
C ALA A 79 8.57 -9.41 -5.42
N VAL A 80 9.59 -9.00 -4.68
CA VAL A 80 10.75 -9.85 -4.47
C VAL A 80 10.36 -11.12 -3.74
N SER A 81 9.50 -10.99 -2.73
CA SER A 81 9.04 -12.16 -1.99
C SER A 81 8.28 -13.11 -2.90
N GLU A 82 7.41 -12.57 -3.76
CA GLU A 82 6.61 -13.40 -4.65
C GLU A 82 7.48 -14.11 -5.67
N GLY A 83 8.43 -13.39 -6.27
CA GLY A 83 9.30 -14.03 -7.26
C GLY A 83 10.18 -15.08 -6.65
N THR A 84 10.78 -14.78 -5.49
CA THR A 84 11.68 -15.72 -4.84
C THR A 84 10.94 -17.00 -4.47
N LYS A 85 9.73 -16.84 -3.92
CA LYS A 85 8.91 -17.99 -3.55
C LYS A 85 8.56 -18.86 -4.75
N ALA A 86 8.19 -18.23 -5.88
CA ALA A 86 7.81 -19.01 -7.04
C ALA A 86 8.98 -19.79 -7.59
N VAL A 87 10.17 -19.17 -7.68
CA VAL A 87 11.34 -19.86 -8.19
C VAL A 87 11.74 -21.02 -7.28
N THR A 88 11.72 -20.80 -5.96
CA THR A 88 12.08 -21.87 -5.04
C THR A 88 11.14 -23.06 -5.20
N LYS A 89 9.84 -22.80 -5.27
CA LYS A 89 8.87 -23.88 -5.45
C LYS A 89 9.06 -24.56 -6.80
N TYR A 90 9.29 -23.78 -7.85
CA TYR A 90 9.43 -24.35 -9.19
C TYR A 90 10.69 -25.20 -9.34
N THR A 91 11.77 -24.84 -8.65
CA THR A 91 13.02 -25.53 -8.85
C THR A 91 12.99 -26.84 -8.07
N SER A 92 12.54 -27.89 -8.75
CA SER A 92 12.53 -29.22 -8.17
C SER A 92 13.93 -29.79 -8.17
N ALA A 93 14.23 -30.61 -7.16
CA ALA A 93 15.57 -31.18 -7.07
C ALA A 93 15.86 -32.07 -8.26
N LYS A 94 14.85 -32.75 -8.79
CA LYS A 94 15.02 -33.60 -9.96
C LYS A 94 14.83 -32.78 -11.23
N LYS A 95 15.92 -32.55 -11.97
CA LYS A 95 15.83 -31.81 -13.22
C LYS A 95 15.17 -32.66 -14.29
N ALA A 96 14.45 -31.99 -15.20
CA ALA A 96 13.69 -32.51 -16.33
C ALA A 96 12.31 -32.95 -15.85
N LYS A 97 12.07 -32.86 -14.54
CA LYS A 97 10.77 -33.12 -13.91
C LYS A 97 10.03 -31.83 -13.55
N THR A 98 10.51 -30.67 -14.02
CA THR A 98 9.81 -29.44 -13.69
C THR A 98 8.39 -29.45 -14.24
N ARG A 99 7.49 -28.78 -13.52
CA ARG A 99 6.12 -28.53 -13.94
C ARG A 99 5.82 -27.08 -13.63
N SER A 100 5.23 -26.36 -14.59
CA SER A 100 4.87 -24.96 -14.34
C SER A 100 3.94 -24.85 -13.15
N SER A 101 3.08 -25.86 -12.94
CA SER A 101 2.10 -25.82 -11.86
C SER A 101 2.77 -25.72 -10.50
N ARG A 102 4.03 -26.10 -10.39
CA ARG A 102 4.71 -26.01 -9.10
C ARG A 102 4.95 -24.57 -8.71
N ALA A 103 5.04 -23.66 -9.68
CA ALA A 103 5.29 -22.25 -9.34
C ALA A 103 4.11 -21.61 -8.63
N GLY A 104 2.95 -22.25 -8.63
CA GLY A 104 1.78 -21.76 -7.94
C GLY A 104 1.11 -20.53 -8.52
N LEU A 105 1.29 -20.27 -9.82
CA LEU A 105 0.86 -19.02 -10.44
C LEU A 105 -0.30 -19.19 -11.40
N GLN A 106 -0.97 -18.06 -11.69
CA GLN A 106 -1.97 -17.95 -12.75
C GLN A 106 -1.35 -17.48 -14.06
N PHE A 107 -0.36 -16.59 -13.98
CA PHE A 107 0.32 -16.10 -15.17
C PHE A 107 1.17 -17.20 -15.80
N PRO A 108 1.28 -17.21 -17.14
CA PRO A 108 1.87 -18.36 -17.83
C PRO A 108 3.38 -18.31 -17.86
N VAL A 109 4.02 -19.26 -17.18
CA VAL A 109 5.47 -19.35 -17.14
C VAL A 109 6.03 -19.58 -18.53
N GLY A 110 5.45 -20.53 -19.27
CA GLY A 110 5.97 -20.86 -20.59
C GLY A 110 5.87 -19.72 -21.59
N ARG A 111 4.74 -18.99 -21.54
CA ARG A 111 4.56 -17.83 -22.41
C ARG A 111 5.60 -16.75 -22.10
N VAL A 112 5.81 -16.49 -20.82
CA VAL A 112 6.81 -15.48 -20.43
C VAL A 112 8.20 -15.91 -20.86
N HIS A 113 8.50 -17.21 -20.77
CA HIS A 113 9.79 -17.70 -21.23
C HIS A 113 9.98 -17.44 -22.71
N ARG A 114 8.95 -17.75 -23.52
CA ARG A 114 9.05 -17.56 -24.96
C ARG A 114 9.24 -16.08 -25.31
N LEU A 115 8.53 -15.20 -24.60
CA LEU A 115 8.69 -13.77 -24.88
C LEU A 115 10.06 -13.26 -24.46
N LEU A 116 10.60 -13.75 -23.35
CA LEU A 116 11.97 -13.37 -22.97
C LEU A 116 12.96 -13.84 -24.01
N ARG A 117 12.79 -15.06 -24.50
CA ARG A 117 13.66 -15.56 -25.55
C ARG A 117 13.51 -14.75 -26.84
N LYS A 118 12.27 -14.36 -27.18
CA LYS A 118 12.02 -13.62 -28.42
C LYS A 118 12.67 -12.24 -28.39
N GLY A 119 12.82 -11.65 -27.21
CA GLY A 119 13.30 -10.29 -27.08
C GLY A 119 14.78 -10.10 -27.20
N ASN A 120 15.54 -11.20 -27.30
CA ASN A 120 16.99 -11.16 -27.45
C ASN A 120 17.64 -10.27 -26.39
N TYR A 121 17.18 -10.44 -25.16
CA TYR A 121 17.75 -9.73 -24.02
C TYR A 121 19.10 -10.29 -23.60
N ALA A 122 19.38 -11.55 -23.94
CA ALA A 122 20.65 -12.19 -23.69
C ALA A 122 20.74 -13.41 -24.60
N GLU A 123 21.92 -14.02 -24.64
CA GLU A 123 22.08 -15.22 -25.46
C GLU A 123 21.15 -16.33 -25.01
N ARG A 124 21.01 -16.53 -23.70
CA ARG A 124 20.17 -17.58 -23.16
C ARG A 124 19.35 -17.03 -22.01
N VAL A 125 18.21 -17.67 -21.77
CA VAL A 125 17.33 -17.33 -20.65
C VAL A 125 17.13 -18.57 -19.80
N GLY A 126 17.54 -18.49 -18.54
CA GLY A 126 17.36 -19.61 -17.64
C GLY A 126 15.91 -19.78 -17.24
N ALA A 127 15.58 -21.00 -16.82
CA ALA A 127 14.20 -21.36 -16.51
C ALA A 127 13.65 -20.60 -15.31
N GLY A 128 14.52 -20.11 -14.43
CA GLY A 128 14.04 -19.36 -13.28
C GLY A 128 13.61 -17.94 -13.61
N ALA A 129 14.15 -17.35 -14.68
CA ALA A 129 13.81 -15.97 -15.00
C ALA A 129 12.34 -15.80 -15.33
N PRO A 130 11.72 -16.61 -16.20
CA PRO A 130 10.29 -16.39 -16.47
C PRO A 130 9.40 -16.72 -15.28
N VAL A 131 9.82 -17.64 -14.41
CA VAL A 131 9.03 -17.93 -13.22
C VAL A 131 8.98 -16.71 -12.31
N TYR A 132 10.16 -16.13 -12.02
CA TYR A 132 10.22 -14.94 -11.19
C TYR A 132 9.44 -13.80 -11.82
N LEU A 133 9.64 -13.58 -13.12
CA LEU A 133 8.98 -12.45 -13.77
C LEU A 133 7.46 -12.66 -13.82
N ALA A 134 7.00 -13.87 -14.14
CA ALA A 134 5.56 -14.09 -14.14
C ALA A 134 4.98 -13.81 -12.76
N ALA A 135 5.68 -14.19 -11.69
CA ALA A 135 5.15 -13.96 -10.35
C ALA A 135 5.05 -12.47 -10.06
N VAL A 136 6.02 -11.69 -10.51
CA VAL A 136 5.98 -10.25 -10.27
C VAL A 136 4.84 -9.62 -11.07
N LEU A 137 4.68 -10.00 -12.34
CA LEU A 137 3.58 -9.45 -13.14
C LEU A 137 2.24 -9.81 -12.53
N GLU A 138 2.09 -11.03 -12.03
CA GLU A 138 0.84 -11.43 -11.39
C GLU A 138 0.61 -10.64 -10.10
N TYR A 139 1.65 -10.45 -9.29
CA TYR A 139 1.50 -9.71 -8.05
C TYR A 139 1.04 -8.28 -8.31
N LEU A 140 1.67 -7.61 -9.28
CA LEU A 140 1.28 -6.24 -9.59
C LEU A 140 -0.15 -6.20 -10.10
N THR A 141 -0.52 -7.19 -10.91
CA THR A 141 -1.89 -7.27 -11.38
C THR A 141 -2.85 -7.40 -10.20
N ALA A 142 -2.51 -8.24 -9.23
CA ALA A 142 -3.38 -8.43 -8.07
C ALA A 142 -3.52 -7.13 -7.29
N GLU A 143 -2.43 -6.38 -7.13
CA GLU A 143 -2.51 -5.10 -6.41
C GLU A 143 -3.43 -4.13 -7.13
N ILE A 144 -3.22 -3.95 -8.44
CA ILE A 144 -4.03 -2.99 -9.19
C ILE A 144 -5.49 -3.41 -9.22
N LEU A 145 -5.75 -4.69 -9.48
CA LEU A 145 -7.14 -5.14 -9.56
C LEU A 145 -7.82 -5.04 -8.20
N GLU A 146 -7.09 -5.30 -7.12
CA GLU A 146 -7.68 -5.12 -5.78
C GLU A 146 -8.15 -3.68 -5.58
N LEU A 147 -7.25 -2.72 -5.83
CA LEU A 147 -7.56 -1.32 -5.57
C LEU A 147 -8.62 -0.81 -6.55
N ALA A 148 -8.52 -1.18 -7.81
CA ALA A 148 -9.52 -0.77 -8.79
C ALA A 148 -10.89 -1.36 -8.46
N GLY A 149 -10.91 -2.62 -8.02
CA GLY A 149 -12.17 -3.22 -7.61
C GLY A 149 -12.75 -2.56 -6.37
N ASN A 150 -11.88 -2.14 -5.44
CA ASN A 150 -12.37 -1.35 -4.31
C ASN A 150 -12.96 -0.04 -4.79
N ALA A 151 -12.32 0.61 -5.76
CA ALA A 151 -12.84 1.86 -6.30
C ALA A 151 -14.18 1.65 -6.98
N ALA A 152 -14.34 0.54 -7.70
CA ALA A 152 -15.63 0.23 -8.29
C ALA A 152 -16.69 -0.01 -7.22
N ARG A 153 -16.35 -0.78 -6.18
CA ARG A 153 -17.30 -1.06 -5.12
C ARG A 153 -17.71 0.22 -4.39
N ASP A 154 -16.74 1.10 -4.11
CA ASP A 154 -17.07 2.37 -3.47
C ASP A 154 -17.96 3.22 -4.37
N ASN A 155 -17.86 3.03 -5.68
CA ASN A 155 -18.66 3.72 -6.68
C ASN A 155 -19.99 2.99 -6.97
N LYS A 156 -20.30 1.94 -6.21
CA LYS A 156 -21.52 1.15 -6.42
C LYS A 156 -21.62 0.63 -7.85
N LYS A 157 -20.49 0.16 -8.38
CA LYS A 157 -20.41 -0.51 -9.67
C LYS A 157 -19.95 -1.94 -9.48
N THR A 158 -20.48 -2.82 -10.33
CA THR A 158 -20.11 -4.23 -10.31
C THR A 158 -19.07 -4.60 -11.36
N ARG A 159 -18.56 -3.62 -12.11
CA ARG A 159 -17.51 -3.88 -13.07
C ARG A 159 -16.52 -2.73 -13.02
N ILE A 160 -15.25 -3.06 -13.23
CA ILE A 160 -14.16 -2.08 -13.28
C ILE A 160 -14.14 -1.42 -14.65
N ILE A 161 -14.13 -0.10 -14.67
CA ILE A 161 -14.04 0.66 -15.92
C ILE A 161 -12.72 1.42 -15.88
N PRO A 162 -12.28 2.03 -16.99
CA PRO A 162 -10.94 2.65 -16.99
C PRO A 162 -10.73 3.68 -15.87
N ARG A 163 -11.73 4.50 -15.54
CA ARG A 163 -11.46 5.54 -14.53
C ARG A 163 -11.25 4.94 -13.14
N HIS A 164 -11.75 3.72 -12.87
CA HIS A 164 -11.42 3.05 -11.62
C HIS A 164 -9.93 2.68 -11.57
N LEU A 165 -9.40 2.18 -12.69
CA LEU A 165 -7.98 1.83 -12.74
C LEU A 165 -7.11 3.06 -12.53
N GLN A 166 -7.43 4.15 -13.24
CA GLN A 166 -6.63 5.36 -13.18
C GLN A 166 -6.64 5.95 -11.78
N LEU A 167 -7.80 5.97 -11.15
CA LEU A 167 -7.93 6.49 -9.79
C LEU A 167 -7.15 5.62 -8.81
N ALA A 168 -7.25 4.29 -8.96
CA ALA A 168 -6.56 3.39 -8.04
C ALA A 168 -5.05 3.55 -8.12
N VAL A 169 -4.50 3.69 -9.33
CA VAL A 169 -3.06 3.90 -9.47
C VAL A 169 -2.66 5.27 -8.94
N ARG A 170 -3.46 6.30 -9.23
CA ARG A 170 -3.10 7.66 -8.87
C ARG A 170 -3.01 7.83 -7.35
N ASN A 171 -3.90 7.21 -6.61
CA ASN A 171 -3.96 7.36 -5.16
C ASN A 171 -3.06 6.41 -4.41
N ASP A 172 -2.31 5.56 -5.10
CA ASP A 172 -1.37 4.66 -4.46
C ASP A 172 0.03 5.18 -4.79
N GLU A 173 0.71 5.71 -3.77
CA GLU A 173 1.99 6.37 -4.00
C GLU A 173 2.97 5.45 -4.72
N GLU A 174 3.04 4.19 -4.31
CA GLU A 174 4.02 3.28 -4.91
C GLU A 174 3.61 2.87 -6.33
N LEU A 175 2.34 2.52 -6.56
CA LEU A 175 1.92 2.16 -7.91
C LEU A 175 2.02 3.35 -8.87
N ASN A 176 1.69 4.55 -8.39
CA ASN A 176 1.78 5.73 -9.24
C ASN A 176 3.23 5.98 -9.66
N LYS A 177 4.17 5.82 -8.72
CA LYS A 177 5.58 5.94 -9.06
C LYS A 177 6.00 4.90 -10.07
N LEU A 178 5.56 3.65 -9.90
CA LEU A 178 5.95 2.60 -10.84
C LEU A 178 5.39 2.88 -12.22
N LEU A 179 4.14 3.32 -12.31
CA LEU A 179 3.55 3.53 -13.61
C LEU A 179 4.32 4.60 -14.38
N GLY A 180 4.85 5.59 -13.66
CA GLY A 180 5.61 6.64 -14.30
C GLY A 180 6.93 6.16 -14.86
N GLY A 181 7.43 5.04 -14.38
CA GLY A 181 8.68 4.51 -14.87
C GLY A 181 8.59 3.44 -15.93
N VAL A 182 7.40 2.99 -16.31
CA VAL A 182 7.30 1.99 -17.36
C VAL A 182 7.04 2.59 -18.75
N THR A 183 6.88 3.91 -18.84
CA THR A 183 6.67 4.58 -20.11
C THR A 183 7.61 5.78 -20.22
N ILE A 184 7.94 6.18 -21.44
CA ILE A 184 8.69 7.42 -21.64
C ILE A 184 7.76 8.53 -22.13
N GLU B 4 3.78 17.20 5.44
CA GLU B 4 3.28 15.93 4.92
C GLU B 4 1.76 15.86 5.03
N SER B 5 1.10 15.33 4.00
CA SER B 5 -0.36 15.19 3.99
C SER B 5 -0.75 13.73 4.08
N TYR B 6 -1.54 13.40 5.10
CA TYR B 6 -2.17 12.10 5.27
C TYR B 6 -3.59 12.07 4.72
N ALA B 7 -3.96 13.06 3.91
CA ALA B 7 -5.37 13.28 3.58
C ALA B 7 -6.00 12.06 2.94
N ILE B 8 -5.32 11.42 2.00
CA ILE B 8 -5.90 10.25 1.34
C ILE B 8 -6.23 9.17 2.37
N TYR B 9 -5.35 8.98 3.37
CA TYR B 9 -5.58 7.93 4.35
C TYR B 9 -6.61 8.34 5.39
N VAL B 10 -6.61 9.62 5.78
CA VAL B 10 -7.67 10.12 6.64
C VAL B 10 -9.02 9.88 5.97
N TYR B 11 -9.10 10.16 4.66
CA TYR B 11 -10.34 9.99 3.92
C TYR B 11 -10.77 8.52 3.89
N LYS B 12 -9.82 7.60 3.67
CA LYS B 12 -10.15 6.18 3.73
C LYS B 12 -10.68 5.78 5.10
N VAL B 13 -10.02 6.24 6.17
CA VAL B 13 -10.49 5.91 7.51
C VAL B 13 -11.88 6.48 7.74
N LEU B 14 -12.10 7.73 7.30
CA LEU B 14 -13.41 8.34 7.48
C LEU B 14 -14.48 7.50 6.79
N LYS B 15 -14.18 6.94 5.63
CA LYS B 15 -15.21 6.18 4.94
C LYS B 15 -15.54 4.88 5.67
N GLN B 16 -14.61 4.37 6.49
CA GLN B 16 -14.90 3.18 7.30
C GLN B 16 -15.81 3.52 8.46
N VAL B 17 -15.51 4.60 9.18
CA VAL B 17 -16.24 4.87 10.42
C VAL B 17 -17.52 5.68 10.18
N HIS B 18 -17.57 6.49 9.12
CA HIS B 18 -18.76 7.28 8.78
C HIS B 18 -18.89 7.32 7.27
N PRO B 19 -19.48 6.28 6.67
CA PRO B 19 -19.45 6.15 5.20
C PRO B 19 -20.08 7.31 4.44
N ASP B 20 -21.06 8.01 5.01
CA ASP B 20 -21.79 9.05 4.30
C ASP B 20 -21.45 10.46 4.79
N THR B 21 -20.32 10.63 5.47
CA THR B 21 -19.95 11.92 6.04
C THR B 21 -18.71 12.47 5.34
N GLY B 22 -18.79 13.72 4.89
CA GLY B 22 -17.65 14.40 4.31
C GLY B 22 -16.78 15.07 5.36
N ILE B 23 -15.75 15.74 4.89
CA ILE B 23 -14.89 16.55 5.77
C ILE B 23 -14.40 17.77 4.99
N SER B 24 -14.50 18.95 5.62
CA SER B 24 -14.15 20.17 4.93
C SER B 24 -12.64 20.29 4.77
N SER B 25 -12.22 21.18 3.87
CA SER B 25 -10.79 21.37 3.65
CA SER B 25 -10.78 21.37 3.64
C SER B 25 -10.08 21.80 4.93
N LYS B 26 -10.68 22.73 5.68
CA LYS B 26 -10.02 23.18 6.90
C LYS B 26 -10.04 22.12 7.99
N ALA B 27 -11.09 21.29 8.05
CA ALA B 27 -11.07 20.19 9.00
C ALA B 27 -10.01 19.15 8.63
N MET B 28 -9.81 18.89 7.34
CA MET B 28 -8.77 17.95 6.94
C MET B 28 -7.39 18.48 7.33
N SER B 29 -7.18 19.79 7.21
CA SER B 29 -5.91 20.38 7.60
CA SER B 29 -5.91 20.37 7.60
C SER B 29 -5.65 20.16 9.09
N ILE B 30 -6.68 20.31 9.92
CA ILE B 30 -6.52 20.03 11.35
C ILE B 30 -6.20 18.56 11.58
N MET B 31 -6.86 17.65 10.85
CA MET B 31 -6.55 16.23 10.97
C MET B 31 -5.09 15.95 10.63
N ASN B 32 -4.62 16.55 9.55
CA ASN B 32 -3.22 16.38 9.16
CA ASN B 32 -3.22 16.39 9.15
C ASN B 32 -2.28 16.88 10.25
N SER B 33 -2.61 18.02 10.86
CA SER B 33 -1.77 18.53 11.94
CA SER B 33 -1.76 18.54 11.94
C SER B 33 -1.77 17.61 13.14
N PHE B 34 -2.92 17.01 13.47
CA PHE B 34 -2.97 16.06 14.59
C PHE B 34 -2.06 14.86 14.31
N VAL B 35 -2.19 14.25 13.12
CA VAL B 35 -1.39 13.06 12.82
C VAL B 35 0.09 13.42 12.83
N ASN B 36 0.43 14.56 12.21
CA ASN B 36 1.83 14.98 12.15
CA ASN B 36 1.83 14.95 12.16
C ASN B 36 2.38 15.20 13.56
N ASP B 37 1.60 15.82 14.43
CA ASP B 37 2.09 16.11 15.77
C ASP B 37 2.36 14.82 16.54
N VAL B 38 1.43 13.85 16.44
CA VAL B 38 1.62 12.59 17.14
C VAL B 38 2.81 11.83 16.55
N PHE B 39 2.92 11.82 15.23
CA PHE B 39 4.09 11.17 14.62
C PHE B 39 5.39 11.77 15.18
N GLU B 40 5.48 13.10 15.19
CA GLU B 40 6.72 13.77 15.57
C GLU B 40 7.08 13.47 17.03
N ARG B 41 6.08 13.46 17.90
CA ARG B 41 6.39 13.26 19.31
C ARG B 41 6.70 11.79 19.60
N ILE B 42 5.99 10.85 18.97
CA ILE B 42 6.35 9.44 19.13
C ILE B 42 7.75 9.20 18.60
N ALA B 43 8.06 9.74 17.42
CA ALA B 43 9.37 9.50 16.81
C ALA B 43 10.48 10.11 17.66
N GLY B 44 10.24 11.30 18.21
CA GLY B 44 11.24 11.94 19.06
C GLY B 44 11.51 11.16 20.34
N GLU B 45 10.45 10.67 20.99
CA GLU B 45 10.66 9.84 22.18
C GLU B 45 11.32 8.51 21.82
N ALA B 46 10.90 7.89 20.73
CA ALA B 46 11.53 6.63 20.32
C ALA B 46 13.01 6.85 20.01
N SER B 47 13.35 7.98 19.39
CA SER B 47 14.74 8.26 19.08
C SER B 47 15.56 8.43 20.35
N ARG B 48 15.00 9.13 21.34
CA ARG B 48 15.71 9.26 22.62
C ARG B 48 15.92 7.90 23.26
N LEU B 49 14.89 7.05 23.22
CA LEU B 49 14.97 5.74 23.86
C LEU B 49 16.03 4.87 23.21
N ALA B 50 16.18 4.98 21.90
CA ALA B 50 17.14 4.16 21.17
C ALA B 50 18.57 4.37 21.64
N HIS B 51 18.89 5.54 22.20
CA HIS B 51 20.26 5.78 22.66
C HIS B 51 20.66 4.84 23.80
N TYR B 52 19.69 4.32 24.56
CA TYR B 52 19.97 3.39 25.64
C TYR B 52 20.34 2.00 25.14
N ASN B 53 20.07 1.70 23.87
CA ASN B 53 20.39 0.40 23.30
C ASN B 53 21.77 0.43 22.65
N LYS B 54 22.32 -0.76 22.42
CA LYS B 54 23.63 -0.83 21.78
C LYS B 54 23.59 -0.48 20.30
N ARG B 55 22.45 -0.71 19.65
CA ARG B 55 22.32 -0.46 18.22
C ARG B 55 21.49 0.80 17.99
N SER B 56 21.98 1.68 17.13
CA SER B 56 21.26 2.90 16.78
C SER B 56 20.15 2.52 15.80
N THR B 57 19.10 1.91 16.35
CA THR B 57 17.99 1.41 15.57
C THR B 57 16.67 1.78 16.24
N ILE B 58 15.71 2.30 15.46
CA ILE B 58 14.35 2.44 15.96
C ILE B 58 13.67 1.10 15.70
N THR B 59 13.27 0.37 16.75
CA THR B 59 12.50 -0.86 16.57
C THR B 59 11.10 -0.66 17.13
N SER B 60 10.26 -1.68 16.94
CA SER B 60 8.91 -1.57 17.50
CA SER B 60 8.90 -1.64 17.51
C SER B 60 8.95 -1.45 19.02
N ARG B 61 10.03 -1.92 19.67
CA ARG B 61 10.08 -1.81 21.11
C ARG B 61 10.17 -0.35 21.54
N GLU B 62 10.97 0.46 20.83
CA GLU B 62 11.03 1.89 21.16
C GLU B 62 9.75 2.62 20.78
N ILE B 63 9.10 2.23 19.67
CA ILE B 63 7.82 2.83 19.35
C ILE B 63 6.79 2.55 20.45
N GLN B 64 6.73 1.29 20.89
CA GLN B 64 5.77 0.92 21.93
C GLN B 64 6.02 1.67 23.22
N THR B 65 7.28 1.77 23.65
CA THR B 65 7.57 2.52 24.87
C THR B 65 7.21 3.98 24.72
N ALA B 66 7.50 4.56 23.56
CA ALA B 66 7.13 5.95 23.30
C ALA B 66 5.61 6.14 23.35
N VAL B 67 4.87 5.20 22.79
CA VAL B 67 3.41 5.28 22.82
C VAL B 67 2.88 5.22 24.25
N ARG B 68 3.46 4.35 25.09
CA ARG B 68 3.02 4.25 26.48
C ARG B 68 3.33 5.52 27.26
N LEU B 69 4.41 6.22 26.91
CA LEU B 69 4.69 7.49 27.59
C LEU B 69 3.72 8.58 27.17
N LEU B 70 3.46 8.66 25.86
CA LEU B 70 2.82 9.82 25.25
CA LEU B 70 2.81 9.82 25.26
C LEU B 70 1.30 9.75 25.29
N LEU B 71 0.71 8.58 25.04
CA LEU B 71 -0.75 8.51 24.93
C LEU B 71 -1.38 8.40 26.31
N PRO B 72 -2.39 9.23 26.62
CA PRO B 72 -2.94 9.20 27.98
C PRO B 72 -3.93 8.07 28.17
N GLY B 73 -3.91 7.49 29.37
CA GLY B 73 -4.97 6.59 29.80
C GLY B 73 -5.16 5.43 28.86
N GLU B 74 -6.42 5.09 28.61
CA GLU B 74 -6.75 3.92 27.79
C GLU B 74 -6.39 4.08 26.33
N LEU B 75 -6.10 5.30 25.85
CA LEU B 75 -5.59 5.44 24.50
C LEU B 75 -4.33 4.61 24.32
N ALA B 76 -3.45 4.62 25.33
CA ALA B 76 -2.20 3.87 25.21
C ALA B 76 -2.45 2.37 25.14
N LYS B 77 -3.36 1.86 25.97
CA LYS B 77 -3.68 0.44 25.97
C LYS B 77 -4.14 -0.02 24.59
N HIS B 78 -5.08 0.70 23.99
CA HIS B 78 -5.62 0.29 22.69
C HIS B 78 -4.59 0.49 21.60
N ALA B 79 -3.83 1.58 21.64
CA ALA B 79 -2.80 1.78 20.62
C ALA B 79 -1.77 0.66 20.67
N VAL B 80 -1.37 0.26 21.87
CA VAL B 80 -0.40 -0.83 22.00
C VAL B 80 -0.99 -2.12 21.44
N SER B 81 -2.26 -2.37 21.72
CA SER B 81 -2.90 -3.56 21.19
C SER B 81 -2.91 -3.53 19.66
N GLU B 82 -3.23 -2.37 19.08
CA GLU B 82 -3.27 -2.24 17.63
C GLU B 82 -1.89 -2.38 17.01
N GLY B 83 -0.88 -1.74 17.60
CA GLY B 83 0.46 -1.85 17.03
C GLY B 83 0.99 -3.27 17.11
N THR B 84 0.78 -3.93 18.25
CA THR B 84 1.27 -5.30 18.37
CA THR B 84 1.25 -5.31 18.41
C THR B 84 0.55 -6.24 17.42
N LYS B 85 -0.76 -6.07 17.26
CA LYS B 85 -1.51 -6.93 16.35
C LYS B 85 -1.07 -6.73 14.91
N ALA B 86 -0.77 -5.47 14.52
CA ALA B 86 -0.31 -5.20 13.17
C ALA B 86 1.07 -5.82 12.90
N VAL B 87 1.99 -5.71 13.85
CA VAL B 87 3.32 -6.30 13.64
C VAL B 87 3.22 -7.83 13.56
N THR B 88 2.39 -8.44 14.41
CA THR B 88 2.19 -9.88 14.33
C THR B 88 1.65 -10.29 12.97
N LYS B 89 0.64 -9.58 12.48
CA LYS B 89 0.07 -9.90 11.17
C LYS B 89 1.08 -9.70 10.05
N TYR B 90 1.85 -8.60 10.13
CA TYR B 90 2.77 -8.26 9.04
C TYR B 90 3.88 -9.29 8.91
N THR B 91 4.35 -9.82 10.05
CA THR B 91 5.43 -10.79 10.09
C THR B 91 4.95 -12.25 10.01
N SER B 92 3.68 -12.48 9.70
CA SER B 92 3.13 -13.83 9.73
C SER B 92 3.71 -14.69 8.62
N ALA B 93 3.84 -15.99 8.94
CA ALA B 93 4.43 -16.95 8.00
C ALA B 93 3.59 -17.12 6.74
N LYS B 94 2.27 -17.02 6.85
CA LYS B 94 1.41 -17.12 5.68
C LYS B 94 1.42 -15.75 5.03
N LYS B 95 2.05 -15.65 3.86
CA LYS B 95 2.16 -14.36 3.22
C LYS B 95 0.83 -13.89 2.65
N ALA B 96 0.56 -12.61 2.82
CA ALA B 96 -0.62 -12.01 2.22
C ALA B 96 -0.34 -11.78 0.74
N LYS B 97 -1.39 -11.54 -0.03
CA LYS B 97 -1.15 -11.32 -1.45
C LYS B 97 -1.07 -9.85 -1.83
N THR B 98 -1.32 -8.95 -0.89
CA THR B 98 -1.29 -7.53 -1.15
C THR B 98 -0.81 -6.81 0.10
N ARG B 99 -0.25 -5.61 -0.10
CA ARG B 99 0.16 -4.78 1.01
C ARG B 99 -1.00 -4.51 1.97
N SER B 100 -2.18 -4.21 1.43
CA SER B 100 -3.32 -3.89 2.30
C SER B 100 -3.68 -5.06 3.20
N SER B 101 -3.66 -6.27 2.66
CA SER B 101 -4.00 -7.47 3.42
C SER B 101 -2.88 -7.92 4.36
N ARG B 102 -1.65 -7.44 4.16
CA ARG B 102 -0.56 -7.90 4.99
C ARG B 102 -0.63 -7.35 6.41
N ALA B 103 -1.03 -6.10 6.58
CA ALA B 103 -1.08 -5.48 7.90
C ALA B 103 -2.48 -5.14 8.37
N GLY B 104 -3.48 -5.25 7.49
CA GLY B 104 -4.85 -4.91 7.85
C GLY B 104 -5.10 -3.43 8.05
N LEU B 105 -4.26 -2.56 7.50
CA LEU B 105 -4.32 -1.12 7.75
C LEU B 105 -4.71 -0.33 6.51
N GLN B 106 -5.13 0.92 6.75
CA GLN B 106 -5.32 1.93 5.73
C GLN B 106 -4.10 2.82 5.55
N PHE B 107 -3.41 3.14 6.64
CA PHE B 107 -2.20 3.95 6.57
C PHE B 107 -1.09 3.09 5.96
N PRO B 108 -0.33 3.60 5.00
CA PRO B 108 0.63 2.75 4.26
C PRO B 108 1.94 2.65 5.01
N VAL B 109 2.42 1.42 5.17
CA VAL B 109 3.65 1.17 5.91
C VAL B 109 4.83 1.92 5.30
N GLY B 110 4.91 1.93 3.97
CA GLY B 110 6.04 2.53 3.29
C GLY B 110 6.14 4.03 3.51
N ARG B 111 5.00 4.72 3.58
CA ARG B 111 5.05 6.15 3.87
C ARG B 111 5.61 6.40 5.26
N VAL B 112 5.14 5.65 6.26
CA VAL B 112 5.64 5.84 7.62
C VAL B 112 7.13 5.50 7.67
N HIS B 113 7.55 4.45 6.96
CA HIS B 113 8.96 4.11 6.93
C HIS B 113 9.80 5.25 6.36
N ARG B 114 9.37 5.81 5.23
CA ARG B 114 10.11 6.90 4.62
C ARG B 114 10.18 8.10 5.54
N LEU B 115 9.09 8.40 6.26
CA LEU B 115 9.09 9.55 7.16
C LEU B 115 10.02 9.33 8.34
N LEU B 116 10.06 8.11 8.89
CA LEU B 116 11.01 7.82 9.96
C LEU B 116 12.44 7.94 9.45
N ARG B 117 12.72 7.43 8.24
CA ARG B 117 14.07 7.56 7.72
C ARG B 117 14.42 9.01 7.44
N LYS B 118 13.48 9.79 6.88
CA LYS B 118 13.75 11.19 6.55
C LYS B 118 14.10 12.02 7.78
N GLY B 119 13.58 11.66 8.94
CA GLY B 119 13.81 12.43 10.14
C GLY B 119 15.12 12.17 10.86
N ASN B 120 15.90 11.19 10.39
CA ASN B 120 17.20 10.86 10.98
C ASN B 120 17.07 10.65 12.49
N TYR B 121 16.06 9.86 12.85
CA TYR B 121 15.85 9.48 14.24
C TYR B 121 16.84 8.45 14.74
N ALA B 122 17.47 7.69 13.84
CA ALA B 122 18.48 6.72 14.23
C ALA B 122 19.20 6.32 12.96
N GLU B 123 20.30 5.58 13.13
CA GLU B 123 21.05 5.09 11.98
C GLU B 123 20.19 4.16 11.14
N ARG B 124 19.38 3.31 11.78
CA ARG B 124 18.54 2.36 11.07
C ARG B 124 17.14 2.34 11.66
N VAL B 125 16.19 1.91 10.82
CA VAL B 125 14.79 1.75 11.23
C VAL B 125 14.45 0.28 11.03
N GLY B 126 14.04 -0.39 12.09
CA GLY B 126 13.69 -1.79 12.00
C GLY B 126 12.40 -2.00 11.23
N ALA B 127 12.22 -3.23 10.71
CA ALA B 127 11.09 -3.50 9.83
C ALA B 127 9.75 -3.44 10.55
N GLY B 128 9.73 -3.69 11.86
CA GLY B 128 8.47 -3.62 12.60
C GLY B 128 8.04 -2.23 13.00
N ALA B 129 8.99 -1.31 13.14
CA ALA B 129 8.66 0.01 13.67
C ALA B 129 7.65 0.78 12.82
N PRO B 130 7.80 0.89 11.49
CA PRO B 130 6.78 1.66 10.76
C PRO B 130 5.43 0.97 10.74
N VAL B 131 5.39 -0.37 10.80
CA VAL B 131 4.10 -1.07 10.88
C VAL B 131 3.38 -0.72 12.17
N TYR B 132 4.09 -0.83 13.29
CA TYR B 132 3.51 -0.49 14.59
C TYR B 132 3.03 0.96 14.61
N LEU B 133 3.88 1.87 14.14
CA LEU B 133 3.52 3.29 14.19
C LEU B 133 2.35 3.59 13.25
N ALA B 134 2.33 3.00 12.07
CA ALA B 134 1.19 3.21 11.17
C ALA B 134 -0.12 2.76 11.83
N ALA B 135 -0.09 1.63 12.54
CA ALA B 135 -1.30 1.14 13.21
C ALA B 135 -1.74 2.09 14.31
N VAL B 136 -0.78 2.66 15.04
CA VAL B 136 -1.10 3.60 16.11
C VAL B 136 -1.72 4.87 15.53
N LEU B 137 -1.13 5.39 14.46
CA LEU B 137 -1.68 6.59 13.84
C LEU B 137 -3.07 6.32 13.29
N GLU B 138 -3.27 5.13 12.71
CA GLU B 138 -4.60 4.80 12.21
C GLU B 138 -5.62 4.70 13.33
N TYR B 139 -5.24 4.08 14.46
CA TYR B 139 -6.16 3.95 15.58
C TYR B 139 -6.61 5.31 16.07
N LEU B 140 -5.65 6.23 16.23
CA LEU B 140 -6.00 7.57 16.72
C LEU B 140 -6.85 8.31 15.71
N THR B 141 -6.51 8.19 14.42
CA THR B 141 -7.27 8.84 13.37
C THR B 141 -8.70 8.35 13.36
N ALA B 142 -8.88 7.03 13.47
CA ALA B 142 -10.23 6.47 13.50
C ALA B 142 -11.01 6.97 14.70
N GLU B 143 -10.35 7.08 15.86
CA GLU B 143 -11.03 7.52 17.07
C GLU B 143 -11.49 8.97 16.94
N ILE B 144 -10.61 9.83 16.48
CA ILE B 144 -10.96 11.25 16.32
C ILE B 144 -12.08 11.40 15.31
N LEU B 145 -11.98 10.70 14.17
CA LEU B 145 -12.99 10.83 13.13
C LEU B 145 -14.33 10.26 13.56
N GLU B 146 -14.31 9.17 14.31
CA GLU B 146 -15.56 8.63 14.84
C GLU B 146 -16.28 9.67 15.69
N LEU B 147 -15.55 10.26 16.64
CA LEU B 147 -16.17 11.24 17.53
C LEU B 147 -16.53 12.51 16.78
N ALA B 148 -15.68 12.96 15.87
CA ALA B 148 -16.00 14.19 15.13
C ALA B 148 -17.22 14.00 14.24
N GLY B 149 -17.34 12.83 13.61
CA GLY B 149 -18.51 12.56 12.78
C GLY B 149 -19.78 12.49 13.59
N ASN B 150 -19.71 11.96 14.81
CA ASN B 150 -20.84 12.02 15.72
C ASN B 150 -21.21 13.45 16.05
N ALA B 151 -20.20 14.30 16.31
CA ALA B 151 -20.49 15.71 16.58
C ALA B 151 -21.12 16.39 15.37
N ALA B 152 -20.65 16.05 14.17
CA ALA B 152 -21.26 16.64 12.97
C ALA B 152 -22.73 16.26 12.86
N ARG B 153 -23.04 14.97 13.06
CA ARG B 153 -24.40 14.50 12.97
C ARG B 153 -25.30 15.17 14.00
N ASP B 154 -24.80 15.32 15.23
CA ASP B 154 -25.57 15.98 16.28
C ASP B 154 -25.81 17.46 15.95
N ASN B 155 -24.91 18.06 15.19
CA ASN B 155 -25.00 19.44 14.73
C ASN B 155 -25.81 19.56 13.45
N LYS B 156 -26.46 18.47 13.04
CA LYS B 156 -27.29 18.41 11.84
C LYS B 156 -26.50 18.76 10.57
N LYS B 157 -25.27 18.27 10.49
CA LYS B 157 -24.41 18.46 9.34
C LYS B 157 -24.03 17.11 8.75
N THR B 158 -23.79 17.08 7.43
CA THR B 158 -23.29 15.88 6.74
C THR B 158 -21.80 15.93 6.43
N ARG B 159 -21.09 16.93 6.94
CA ARG B 159 -19.64 17.01 6.78
C ARG B 159 -19.05 17.48 8.08
N ILE B 160 -17.86 16.98 8.37
CA ILE B 160 -17.09 17.41 9.54
C ILE B 160 -16.44 18.74 9.23
N ILE B 161 -16.68 19.72 10.10
CA ILE B 161 -16.03 21.04 9.97
C ILE B 161 -15.16 21.28 11.21
N PRO B 162 -14.30 22.29 11.25
CA PRO B 162 -13.37 22.39 12.39
C PRO B 162 -14.05 22.40 13.76
N ARG B 163 -15.19 23.07 13.93
CA ARG B 163 -15.77 23.11 15.26
C ARG B 163 -16.23 21.73 15.73
N HIS B 164 -16.53 20.80 14.80
CA HIS B 164 -16.83 19.43 15.22
C HIS B 164 -15.59 18.73 15.76
N LEU B 165 -14.45 18.91 15.11
CA LEU B 165 -13.20 18.34 15.59
C LEU B 165 -12.81 18.93 16.93
N GLN B 166 -12.92 20.26 17.05
CA GLN B 166 -12.51 20.91 18.29
C GLN B 166 -13.39 20.45 19.44
N LEU B 167 -14.70 20.35 19.22
CA LEU B 167 -15.60 19.87 20.26
C LEU B 167 -15.32 18.43 20.64
N ALA B 168 -15.11 17.56 19.64
CA ALA B 168 -14.89 16.16 19.90
C ALA B 168 -13.62 15.93 20.72
N VAL B 169 -12.54 16.64 20.36
CA VAL B 169 -11.29 16.50 21.11
C VAL B 169 -11.42 17.09 22.51
N ARG B 170 -12.04 18.27 22.62
CA ARG B 170 -12.12 18.92 23.91
C ARG B 170 -12.95 18.11 24.91
N ASN B 171 -13.99 17.42 24.44
CA ASN B 171 -14.92 16.71 25.32
C ASN B 171 -14.44 15.32 25.70
N ASP B 172 -13.31 14.88 25.17
CA ASP B 172 -12.73 13.58 25.49
C ASP B 172 -11.47 13.83 26.30
N GLU B 173 -11.49 13.46 27.59
CA GLU B 173 -10.39 13.84 28.47
C GLU B 173 -9.04 13.36 27.95
N GLU B 174 -8.99 12.12 27.45
CA GLU B 174 -7.69 11.61 27.00
C GLU B 174 -7.24 12.27 25.71
N LEU B 175 -8.15 12.43 24.74
CA LEU B 175 -7.75 13.09 23.49
C LEU B 175 -7.38 14.55 23.72
N ASN B 176 -8.07 15.22 24.66
CA ASN B 176 -7.77 16.61 24.97
C ASN B 176 -6.34 16.74 25.51
N LYS B 177 -5.94 15.83 26.40
CA LYS B 177 -4.56 15.85 26.88
C LYS B 177 -3.58 15.65 25.73
N LEU B 178 -3.88 14.73 24.83
CA LEU B 178 -2.95 14.41 23.74
C LEU B 178 -2.82 15.53 22.73
N LEU B 179 -3.93 16.17 22.36
CA LEU B 179 -4.03 17.05 21.20
C LEU B 179 -4.35 18.51 21.50
N GLY B 180 -4.74 18.85 22.72
CA GLY B 180 -5.26 20.20 23.00
C GLY B 180 -4.28 21.33 22.76
N GLY B 181 -2.99 21.03 22.65
CA GLY B 181 -1.96 22.01 22.37
C GLY B 181 -1.59 22.15 20.91
N VAL B 182 -2.27 21.42 20.01
CA VAL B 182 -1.96 21.47 18.59
C VAL B 182 -2.66 22.67 17.97
N THR B 183 -1.92 23.43 17.17
CA THR B 183 -2.45 24.66 16.57
C THR B 183 -2.25 24.68 15.05
N GLU C 11 -10.66 -22.05 -28.01
CA GLU C 11 -10.89 -22.20 -26.58
C GLU C 11 -11.97 -21.25 -26.09
N GLY C 12 -12.41 -21.45 -24.86
CA GLY C 12 -13.43 -20.62 -24.26
C GLY C 12 -12.89 -19.31 -23.71
N TYR C 13 -12.59 -18.36 -24.58
CA TYR C 13 -12.08 -17.06 -24.15
C TYR C 13 -13.12 -16.36 -23.28
N GLN C 14 -12.68 -15.85 -22.14
CA GLN C 14 -13.58 -15.12 -21.26
C GLN C 14 -13.96 -13.80 -21.92
N ASP C 15 -15.01 -13.17 -21.40
CA ASP C 15 -15.58 -12.00 -22.03
C ASP C 15 -15.57 -10.81 -21.08
N TYR C 16 -15.27 -9.63 -21.63
CA TYR C 16 -15.32 -8.40 -20.85
C TYR C 16 -16.37 -7.44 -21.38
N GLU C 17 -16.29 -7.01 -22.64
CA GLU C 17 -17.32 -6.23 -23.36
C GLU C 17 -17.47 -4.80 -22.82
N PRO C 18 -18.09 -3.88 -23.59
CA PRO C 18 -18.10 -2.46 -23.19
C PRO C 18 -18.80 -2.21 -21.86
N GLU C 19 -18.74 -0.95 -21.44
CA GLU C 19 -19.12 -0.56 -20.08
C GLU C 19 -19.83 0.78 -20.11
N ALA C 20 -20.06 1.31 -18.90
CA ALA C 20 -20.59 2.66 -18.70
C ALA C 20 -20.13 3.19 -17.35
N PRO D 8 -14.73 28.60 20.90
CA PRO D 8 -15.25 28.42 19.54
C PRO D 8 -16.77 28.21 19.52
N SER D 9 -17.48 29.08 18.81
CA SER D 9 -18.94 28.98 18.75
C SER D 9 -19.36 27.65 18.13
N GLU D 10 -20.32 26.98 18.78
CA GLU D 10 -20.85 25.72 18.27
C GLU D 10 -21.85 25.91 17.15
N GLU D 11 -22.24 27.14 16.85
CA GLU D 11 -23.22 27.42 15.80
C GLU D 11 -22.72 28.60 14.96
N GLY D 12 -23.42 28.83 13.87
CA GLY D 12 -23.15 30.00 13.04
C GLY D 12 -22.42 29.66 11.76
N TYR D 13 -22.12 30.73 11.02
CA TYR D 13 -21.54 30.63 9.69
C TYR D 13 -20.36 31.59 9.52
N GLN D 14 -19.79 32.09 10.62
CA GLN D 14 -18.73 33.07 10.50
C GLN D 14 -17.54 32.52 9.71
N ASP D 15 -17.26 31.23 9.82
CA ASP D 15 -16.18 30.57 9.09
C ASP D 15 -16.71 29.61 8.03
N TYR D 16 -17.90 29.89 7.49
CA TYR D 16 -18.54 28.96 6.58
C TYR D 16 -17.64 28.63 5.40
N GLU D 17 -17.41 27.33 5.18
CA GLU D 17 -16.61 26.90 4.05
C GLU D 17 -17.50 26.46 2.89
N PRO D 18 -17.14 26.79 1.63
CA PRO D 18 -17.91 26.28 0.47
C PRO D 18 -17.91 24.76 0.37
N GLU D 19 -18.61 24.25 -0.66
CA GLU D 19 -18.91 22.85 -1.03
C GLU D 19 -20.16 22.35 -0.31
N ALA D 20 -20.83 23.22 0.45
CA ALA D 20 -22.09 22.94 1.14
C ALA D 20 -21.92 22.07 2.36
CL CL E . 17.38 -19.63 -14.31
CL CL F . 11.51 -3.46 14.47
#